data_1OWM
#
_entry.id   1OWM
#
_cell.length_a   89.329
_cell.length_b   89.329
_cell.length_c   133.403
_cell.angle_alpha   90.00
_cell.angle_beta   90.00
_cell.angle_gamma   90.00
#
_symmetry.space_group_name_H-M   'P 43 21 2'
#
loop_
_entity.id
_entity.type
_entity.pdbx_description
1 polymer 'Deoxyribodipyrimidine photolyase'
2 non-polymer 'PHOSPHATE ION'
3 non-polymer 'FLAVIN-ADENINE DINUCLEOTIDE'
4 water water
#
_entity_poly.entity_id   1
_entity_poly.type   'polypeptide(L)'
_entity_poly.pdbx_seq_one_letter_code
;MAAPILFWHRRDLRLSDNIGLAAARAQSAQLIGLFCLDPQILQSADMAPARVAYLQGCLQELQQRYQQAGSRLLLLQGDP
QHLIPQLAQQLQAEAVYWNQDIEPYGRDRDGQVAAALKTAGIRAVQLWDQLLHSPDQILSGSGNPYSVYGPFWKNWQAQP
KPTPVATPTELVDLSPEQLTAIAPLLLSELPTLKQLGFDWDGGFPVEPGETAAIARLQEFCDRAIADYDPQRNFPAEAGT
SGLSPALKFGAIGIRQAWQAASAAHALSRSDEARNSIRVWQQELAWREFYQHALYHFPSLADGPYRSLWQQFPWENREAL
FTAWTQAQTGYPIVDAAMRQLTETGWMHNRCRMIVASFLTKDLIIDWRRGEQFFMQHLVDGDLAANNGGWQWSASSGMDP
KPLRIFNPASQAKKFDATATYIKRWLPELRHVHPKDLISGEITPIERRGYPAPIVNHNLRQKQFKALYNQLKAAIAEPEA
EPDS
;
_entity_poly.pdbx_strand_id   A
#
loop_
_chem_comp.id
_chem_comp.type
_chem_comp.name
_chem_comp.formula
FAD non-polymer 'FLAVIN-ADENINE DINUCLEOTIDE' 'C27 H33 N9 O15 P2'
PO4 non-polymer 'PHOSPHATE ION' 'O4 P -3'
#
# COMPACT_ATOMS: atom_id res chain seq x y z
N ALA A 2 19.40 -33.23 6.70
CA ALA A 2 20.10 -32.10 7.36
C ALA A 2 19.13 -31.23 8.16
N ALA A 3 19.58 -30.05 8.57
CA ALA A 3 18.75 -29.14 9.34
C ALA A 3 18.83 -27.71 8.82
N PRO A 4 18.07 -27.42 7.75
CA PRO A 4 18.08 -26.07 7.17
C PRO A 4 16.97 -25.18 7.75
N ILE A 5 17.12 -23.89 7.55
CA ILE A 5 16.11 -22.93 8.02
C ILE A 5 15.39 -22.39 6.81
N LEU A 6 14.06 -22.39 6.86
CA LEU A 6 13.28 -21.85 5.77
C LEU A 6 12.86 -20.44 6.12
N PHE A 7 12.99 -19.51 5.17
CA PHE A 7 12.53 -18.16 5.42
C PHE A 7 11.36 -17.91 4.48
N TRP A 8 10.20 -17.63 5.08
CA TRP A 8 9.00 -17.39 4.32
C TRP A 8 8.74 -15.94 3.94
N HIS A 9 8.90 -15.65 2.66
CA HIS A 9 8.67 -14.30 2.13
C HIS A 9 7.20 -14.07 1.80
N ARG A 10 6.73 -12.85 2.08
CA ARG A 10 5.35 -12.46 1.77
C ARG A 10 5.36 -11.02 1.26
N ARG A 11 5.61 -10.06 2.14
CA ARG A 11 5.65 -8.64 1.75
C ARG A 11 7.05 -8.07 1.96
N ASP A 12 8.06 -8.92 1.84
CA ASP A 12 9.43 -8.47 2.05
C ASP A 12 10.28 -9.11 0.97
N LEU A 13 9.92 -8.80 -0.27
CA LEU A 13 10.62 -9.38 -1.40
C LEU A 13 11.96 -8.73 -1.72
N ARG A 14 12.95 -9.03 -0.89
CA ARG A 14 14.29 -8.49 -1.04
C ARG A 14 15.21 -9.31 -0.16
N LEU A 15 16.51 -9.23 -0.42
CA LEU A 15 17.47 -9.96 0.39
C LEU A 15 18.11 -9.04 1.42
N SER A 16 18.15 -7.74 1.10
CA SER A 16 18.78 -6.76 2.00
C SER A 16 17.85 -6.22 3.11
N ASP A 17 18.47 -5.64 4.13
CA ASP A 17 17.76 -5.06 5.27
C ASP A 17 16.42 -5.76 5.58
N ASN A 18 16.51 -7.05 5.89
CA ASN A 18 15.34 -7.86 6.22
C ASN A 18 15.54 -8.48 7.60
N ILE A 19 14.81 -7.97 8.58
CA ILE A 19 14.90 -8.43 9.96
C ILE A 19 14.88 -9.96 10.13
N GLY A 20 13.78 -10.59 9.71
CA GLY A 20 13.66 -12.03 9.82
C GLY A 20 14.74 -12.82 9.12
N LEU A 21 15.01 -12.45 7.87
CA LEU A 21 16.02 -13.13 7.07
C LEU A 21 17.38 -13.03 7.77
N ALA A 22 17.72 -11.83 8.22
CA ALA A 22 18.99 -11.60 8.91
C ALA A 22 19.09 -12.45 10.18
N ALA A 23 18.00 -12.48 10.95
CA ALA A 23 17.98 -13.27 12.17
C ALA A 23 18.22 -14.75 11.84
N ALA A 24 17.58 -15.21 10.77
CA ALA A 24 17.72 -16.60 10.35
C ALA A 24 19.15 -16.91 9.93
N ARG A 25 19.78 -15.98 9.19
CA ARG A 25 21.14 -16.19 8.73
C ARG A 25 22.14 -16.32 9.86
N ALA A 26 21.85 -15.67 10.99
CA ALA A 26 22.75 -15.74 12.14
C ALA A 26 22.62 -17.11 12.80
N GLN A 27 21.58 -17.85 12.43
CA GLN A 27 21.38 -19.17 13.00
C GLN A 27 21.83 -20.29 12.06
N SER A 28 21.86 -20.01 10.77
CA SER A 28 22.28 -21.03 9.80
C SER A 28 22.57 -20.45 8.41
N ALA A 29 23.58 -21.01 7.75
CA ALA A 29 23.96 -20.58 6.41
C ALA A 29 23.12 -21.36 5.39
N GLN A 30 22.53 -22.45 5.86
CA GLN A 30 21.68 -23.29 5.02
C GLN A 30 20.30 -22.63 5.07
N LEU A 31 20.28 -21.41 4.55
CA LEU A 31 19.09 -20.58 4.53
C LEU A 31 18.40 -20.66 3.16
N ILE A 32 17.19 -21.20 3.15
CA ILE A 32 16.43 -21.37 1.92
C ILE A 32 15.19 -20.50 1.93
N GLY A 33 15.05 -19.63 0.93
CA GLY A 33 13.88 -18.78 0.87
C GLY A 33 12.70 -19.51 0.25
N LEU A 34 11.51 -18.96 0.41
CA LEU A 34 10.32 -19.54 -0.17
C LEU A 34 9.21 -18.51 -0.30
N PHE A 35 8.31 -18.77 -1.24
CA PHE A 35 7.16 -17.91 -1.45
C PHE A 35 6.02 -18.81 -1.83
N CYS A 36 4.87 -18.61 -1.18
CA CYS A 36 3.71 -19.44 -1.47
C CYS A 36 2.57 -18.64 -2.11
N LEU A 37 2.21 -19.03 -3.33
CA LEU A 37 1.11 -18.38 -4.04
C LEU A 37 -0.16 -18.90 -3.41
N ASP A 38 -0.73 -18.09 -2.53
CA ASP A 38 -1.94 -18.46 -1.80
C ASP A 38 -3.19 -18.11 -2.61
N PRO A 39 -3.96 -19.14 -3.00
CA PRO A 39 -5.19 -18.98 -3.79
C PRO A 39 -6.22 -18.03 -3.17
N GLN A 40 -6.34 -18.03 -1.85
CA GLN A 40 -7.31 -17.14 -1.21
C GLN A 40 -6.99 -15.67 -1.49
N ILE A 41 -5.72 -15.38 -1.76
CA ILE A 41 -5.31 -14.02 -2.04
C ILE A 41 -5.27 -13.79 -3.55
N LEU A 42 -4.65 -14.71 -4.28
CA LEU A 42 -4.53 -14.57 -5.72
C LEU A 42 -5.85 -14.61 -6.49
N GLN A 43 -6.78 -15.44 -6.04
CA GLN A 43 -8.07 -15.55 -6.73
C GLN A 43 -9.09 -14.52 -6.24
N SER A 44 -8.70 -13.69 -5.29
CA SER A 44 -9.61 -12.70 -4.75
C SER A 44 -10.08 -11.67 -5.76
N ALA A 45 -11.38 -11.34 -5.70
CA ALA A 45 -11.92 -10.33 -6.59
C ALA A 45 -11.29 -8.98 -6.29
N ASP A 46 -10.62 -8.87 -5.15
CA ASP A 46 -9.97 -7.61 -4.76
C ASP A 46 -8.49 -7.53 -5.13
N MET A 47 -8.01 -8.49 -5.91
CA MET A 47 -6.61 -8.48 -6.33
C MET A 47 -6.46 -7.59 -7.56
N ALA A 48 -5.46 -6.71 -7.55
CA ALA A 48 -5.23 -5.82 -8.68
C ALA A 48 -4.22 -6.43 -9.67
N PRO A 49 -4.56 -6.42 -10.97
CA PRO A 49 -3.64 -6.96 -11.99
C PRO A 49 -2.25 -6.32 -11.91
N ALA A 50 -2.23 -5.01 -11.67
CA ALA A 50 -0.96 -4.27 -11.60
C ALA A 50 -0.13 -4.74 -10.41
N ARG A 51 -0.82 -5.10 -9.34
CA ARG A 51 -0.14 -5.56 -8.13
C ARG A 51 0.48 -6.93 -8.38
N VAL A 52 -0.23 -7.80 -9.11
CA VAL A 52 0.31 -9.11 -9.41
C VAL A 52 1.54 -8.97 -10.30
N ALA A 53 1.49 -8.02 -11.24
CA ALA A 53 2.61 -7.80 -12.16
C ALA A 53 3.84 -7.33 -11.40
N TYR A 54 3.63 -6.35 -10.53
CA TYR A 54 4.72 -5.82 -9.73
C TYR A 54 5.29 -6.92 -8.84
N LEU A 55 4.41 -7.69 -8.22
CA LEU A 55 4.81 -8.80 -7.36
C LEU A 55 5.68 -9.80 -8.11
N GLN A 56 5.18 -10.25 -9.26
CA GLN A 56 5.86 -11.23 -10.08
C GLN A 56 7.24 -10.71 -10.47
N GLY A 57 7.32 -9.41 -10.75
CA GLY A 57 8.60 -8.83 -11.10
C GLY A 57 9.55 -8.90 -9.92
N CYS A 58 9.03 -8.65 -8.71
CA CYS A 58 9.85 -8.69 -7.52
C CYS A 58 10.37 -10.12 -7.26
N LEU A 59 9.51 -11.11 -7.47
CA LEU A 59 9.87 -12.50 -7.25
C LEU A 59 10.98 -12.92 -8.21
N GLN A 60 10.88 -12.47 -9.46
CA GLN A 60 11.90 -12.81 -10.44
C GLN A 60 13.27 -12.40 -9.94
N GLU A 61 13.40 -11.16 -9.48
CA GLU A 61 14.69 -10.73 -8.98
C GLU A 61 15.09 -11.54 -7.75
N LEU A 62 14.14 -11.74 -6.84
CA LEU A 62 14.42 -12.48 -5.62
C LEU A 62 15.00 -13.88 -5.90
N GLN A 63 14.54 -14.52 -6.98
CA GLN A 63 15.06 -15.84 -7.34
C GLN A 63 16.55 -15.71 -7.63
N GLN A 64 16.91 -14.66 -8.35
CA GLN A 64 18.30 -14.41 -8.72
C GLN A 64 19.14 -14.13 -7.48
N ARG A 65 18.62 -13.26 -6.61
CA ARG A 65 19.34 -12.89 -5.39
C ARG A 65 19.70 -14.13 -4.57
N TYR A 66 18.75 -15.04 -4.40
CA TYR A 66 18.99 -16.26 -3.65
C TYR A 66 20.03 -17.12 -4.35
N GLN A 67 19.90 -17.25 -5.67
CA GLN A 67 20.83 -18.02 -6.47
C GLN A 67 22.24 -17.47 -6.31
N GLN A 68 22.37 -16.15 -6.36
CA GLN A 68 23.66 -15.52 -6.23
C GLN A 68 24.22 -15.63 -4.80
N ALA A 69 23.31 -15.72 -3.83
CA ALA A 69 23.73 -15.81 -2.43
C ALA A 69 24.25 -17.20 -2.09
N GLY A 70 23.83 -18.20 -2.85
CA GLY A 70 24.29 -19.55 -2.58
C GLY A 70 23.21 -20.61 -2.45
N SER A 71 21.95 -20.20 -2.39
CA SER A 71 20.88 -21.19 -2.28
C SER A 71 19.80 -20.92 -3.33
N ARG A 72 18.54 -20.89 -2.91
CA ARG A 72 17.45 -20.68 -3.86
C ARG A 72 16.16 -20.22 -3.21
N LEU A 73 15.19 -19.83 -4.05
CA LEU A 73 13.88 -19.42 -3.58
C LEU A 73 12.91 -20.51 -4.01
N LEU A 74 12.29 -21.18 -3.04
CA LEU A 74 11.33 -22.23 -3.35
C LEU A 74 9.98 -21.59 -3.65
N LEU A 75 9.27 -22.15 -4.62
CA LEU A 75 7.96 -21.63 -5.01
C LEU A 75 6.87 -22.67 -4.82
N LEU A 76 5.74 -22.25 -4.24
CA LEU A 76 4.62 -23.13 -4.00
C LEU A 76 3.29 -22.46 -4.33
N GLN A 77 2.27 -23.27 -4.55
CA GLN A 77 0.95 -22.76 -4.86
C GLN A 77 -0.10 -23.57 -4.12
N GLY A 78 -0.72 -22.97 -3.11
CA GLY A 78 -1.74 -23.67 -2.34
C GLY A 78 -1.97 -23.03 -0.99
N ASP A 79 -2.65 -23.76 -0.10
CA ASP A 79 -2.96 -23.29 1.24
C ASP A 79 -1.72 -23.32 2.13
N PRO A 80 -1.30 -22.16 2.65
CA PRO A 80 -0.12 -22.04 3.52
C PRO A 80 -0.03 -22.94 4.75
N GLN A 81 -1.09 -23.01 5.54
CA GLN A 81 -1.03 -23.82 6.75
C GLN A 81 -0.92 -25.31 6.49
N HIS A 82 -1.11 -25.72 5.24
CA HIS A 82 -0.97 -27.11 4.89
C HIS A 82 0.39 -27.31 4.21
N LEU A 83 0.65 -26.54 3.16
CA LEU A 83 1.89 -26.67 2.41
C LEU A 83 3.17 -26.29 3.14
N ILE A 84 3.17 -25.18 3.86
CA ILE A 84 4.39 -24.75 4.55
C ILE A 84 4.88 -25.77 5.59
N PRO A 85 3.97 -26.30 6.43
CA PRO A 85 4.40 -27.27 7.44
C PRO A 85 4.85 -28.59 6.81
N GLN A 86 4.19 -28.96 5.72
CA GLN A 86 4.53 -30.19 5.00
C GLN A 86 5.94 -30.05 4.44
N LEU A 87 6.22 -28.88 3.86
CA LEU A 87 7.53 -28.60 3.30
C LEU A 87 8.59 -28.62 4.39
N ALA A 88 8.32 -27.92 5.49
CA ALA A 88 9.27 -27.86 6.59
C ALA A 88 9.56 -29.27 7.12
N GLN A 89 8.50 -30.06 7.26
CA GLN A 89 8.64 -31.42 7.75
C GLN A 89 9.49 -32.26 6.79
N GLN A 90 9.15 -32.21 5.51
CA GLN A 90 9.90 -32.96 4.50
C GLN A 90 11.38 -32.57 4.47
N LEU A 91 11.65 -31.35 4.91
CA LEU A 91 13.01 -30.81 4.93
C LEU A 91 13.63 -30.92 6.31
N GLN A 92 12.86 -31.45 7.27
CA GLN A 92 13.31 -31.59 8.65
C GLN A 92 13.92 -30.26 9.07
N ALA A 93 13.22 -29.18 8.74
CA ALA A 93 13.68 -27.83 9.04
C ALA A 93 13.91 -27.53 10.53
N GLU A 94 15.05 -26.94 10.81
CA GLU A 94 15.38 -26.57 12.18
C GLU A 94 14.36 -25.50 12.60
N ALA A 95 13.85 -24.75 11.63
CA ALA A 95 12.87 -23.70 11.89
C ALA A 95 12.41 -22.99 10.64
N VAL A 96 11.30 -22.28 10.77
CA VAL A 96 10.74 -21.48 9.69
C VAL A 96 10.62 -20.07 10.26
N TYR A 97 11.21 -19.11 9.56
CA TYR A 97 11.18 -17.71 9.96
C TYR A 97 10.33 -16.90 9.00
N TRP A 98 9.85 -15.75 9.47
CA TRP A 98 9.06 -14.84 8.64
C TRP A 98 8.76 -13.56 9.39
N ASN A 99 8.42 -12.51 8.66
CA ASN A 99 8.11 -11.23 9.27
C ASN A 99 6.60 -11.09 9.51
N GLN A 100 6.25 -10.58 10.67
CA GLN A 100 4.86 -10.41 11.07
C GLN A 100 4.02 -9.50 10.20
N ASP A 101 2.74 -9.85 10.11
CA ASP A 101 1.77 -9.11 9.32
C ASP A 101 0.96 -8.25 10.30
N ILE A 102 0.28 -7.24 9.78
CA ILE A 102 -0.58 -6.39 10.61
C ILE A 102 -2.05 -6.62 10.25
N GLU A 103 -2.28 -7.26 9.11
CA GLU A 103 -3.61 -7.54 8.59
C GLU A 103 -4.31 -8.78 9.18
N PRO A 104 -5.64 -8.71 9.37
CA PRO A 104 -6.44 -9.81 9.91
C PRO A 104 -6.14 -11.17 9.27
N TYR A 105 -6.20 -11.21 7.94
CA TYR A 105 -5.96 -12.47 7.23
C TYR A 105 -4.57 -13.04 7.49
N GLY A 106 -3.55 -12.22 7.32
CA GLY A 106 -2.18 -12.69 7.54
C GLY A 106 -1.90 -13.15 8.95
N ARG A 107 -2.42 -12.42 9.93
CA ARG A 107 -2.19 -12.79 11.31
C ARG A 107 -2.91 -14.09 11.66
N ASP A 108 -4.14 -14.25 11.18
CA ASP A 108 -4.87 -15.50 11.46
C ASP A 108 -4.13 -16.66 10.83
N ARG A 109 -3.77 -16.50 9.55
CA ARG A 109 -3.05 -17.53 8.83
C ARG A 109 -1.76 -17.90 9.58
N ASP A 110 -0.99 -16.88 9.94
CA ASP A 110 0.26 -17.08 10.66
C ASP A 110 0.09 -17.88 11.92
N GLY A 111 -0.94 -17.54 12.70
CA GLY A 111 -1.18 -18.29 13.93
C GLY A 111 -1.32 -19.76 13.59
N GLN A 112 -2.09 -20.06 12.54
CA GLN A 112 -2.33 -21.43 12.10
C GLN A 112 -1.07 -22.13 11.62
N VAL A 113 -0.22 -21.43 10.88
CA VAL A 113 1.00 -22.05 10.40
C VAL A 113 1.89 -22.40 11.59
N ALA A 114 2.11 -21.41 12.46
CA ALA A 114 2.93 -21.60 13.65
C ALA A 114 2.44 -22.79 14.48
N ALA A 115 1.13 -22.85 14.74
CA ALA A 115 0.58 -23.95 15.52
C ALA A 115 0.84 -25.27 14.79
N ALA A 116 0.66 -25.26 13.48
CA ALA A 116 0.90 -26.46 12.70
C ALA A 116 2.38 -26.87 12.83
N LEU A 117 3.27 -25.89 12.77
CA LEU A 117 4.69 -26.18 12.89
C LEU A 117 5.05 -26.71 14.28
N LYS A 118 4.47 -26.12 15.31
CA LYS A 118 4.76 -26.54 16.68
C LYS A 118 4.34 -27.99 16.91
N THR A 119 3.22 -28.38 16.29
CA THR A 119 2.73 -29.74 16.41
C THR A 119 3.75 -30.69 15.77
N ALA A 120 4.36 -30.22 14.69
CA ALA A 120 5.36 -31.01 13.98
C ALA A 120 6.70 -30.89 14.69
N GLY A 121 6.70 -30.16 15.81
CA GLY A 121 7.92 -30.00 16.58
C GLY A 121 8.96 -29.10 15.91
N ILE A 122 8.50 -28.23 15.02
CA ILE A 122 9.39 -27.33 14.29
C ILE A 122 9.21 -25.89 14.78
N ARG A 123 10.33 -25.25 15.11
CA ARG A 123 10.32 -23.88 15.61
C ARG A 123 9.90 -22.84 14.56
N ALA A 124 9.02 -21.94 14.98
CA ALA A 124 8.54 -20.87 14.11
C ALA A 124 8.91 -19.54 14.77
N VAL A 125 9.65 -18.70 14.04
CA VAL A 125 10.09 -17.41 14.55
C VAL A 125 9.49 -16.28 13.70
N GLN A 126 8.70 -15.43 14.34
CA GLN A 126 8.01 -14.33 13.68
C GLN A 126 8.49 -13.00 14.21
N LEU A 127 9.24 -12.27 13.39
CA LEU A 127 9.79 -10.97 13.79
C LEU A 127 9.25 -9.77 13.01
N TRP A 128 9.34 -8.59 13.61
CA TRP A 128 8.87 -7.37 12.97
C TRP A 128 9.89 -6.77 12.02
N ASP A 129 9.44 -6.45 10.80
CA ASP A 129 10.33 -5.92 9.80
C ASP A 129 9.83 -4.73 8.98
N GLN A 130 8.54 -4.70 8.64
CA GLN A 130 8.05 -3.61 7.80
C GLN A 130 7.75 -2.28 8.50
N LEU A 131 7.91 -2.24 9.82
CA LEU A 131 7.67 -1.01 10.57
C LEU A 131 8.93 -0.63 11.35
N LEU A 132 9.23 0.66 11.40
CA LEU A 132 10.38 1.12 12.16
C LEU A 132 10.12 0.77 13.62
N HIS A 133 8.86 0.85 14.01
CA HIS A 133 8.46 0.52 15.38
C HIS A 133 7.21 -0.37 15.32
N SER A 134 7.25 -1.50 16.04
CA SER A 134 6.11 -2.41 16.05
C SER A 134 4.95 -1.79 16.81
N PRO A 135 3.73 -2.29 16.56
CA PRO A 135 2.51 -1.79 17.23
C PRO A 135 2.61 -1.88 18.76
N ASP A 136 3.33 -2.89 19.25
CA ASP A 136 3.51 -3.09 20.69
C ASP A 136 4.52 -2.14 21.31
N GLN A 137 5.30 -1.47 20.48
CA GLN A 137 6.30 -0.57 21.02
C GLN A 137 5.72 0.83 21.27
N ILE A 138 4.72 1.19 20.49
CA ILE A 138 4.10 2.51 20.59
C ILE A 138 2.74 2.53 21.30
N LEU A 139 2.76 2.85 22.59
CA LEU A 139 1.56 2.91 23.40
C LEU A 139 1.61 4.17 24.27
N SER A 140 0.43 4.57 24.76
CA SER A 140 0.31 5.76 25.59
C SER A 140 0.80 5.49 27.01
N GLY A 141 0.77 6.53 27.83
CA GLY A 141 1.20 6.40 29.22
C GLY A 141 0.35 5.38 29.94
N SER A 142 -0.82 5.09 29.38
CA SER A 142 -1.74 4.13 29.96
C SER A 142 -1.57 2.77 29.29
N GLY A 143 -0.58 2.68 28.41
CA GLY A 143 -0.32 1.43 27.71
C GLY A 143 -1.36 1.10 26.64
N ASN A 144 -2.00 2.12 26.08
CA ASN A 144 -3.01 1.90 25.06
C ASN A 144 -2.61 2.45 23.70
N PRO A 145 -3.19 1.90 22.63
CA PRO A 145 -2.89 2.37 21.27
C PRO A 145 -3.47 3.77 21.03
N TYR A 146 -3.01 4.41 19.97
CA TYR A 146 -3.45 5.76 19.63
C TYR A 146 -4.51 5.77 18.51
N SER A 147 -5.52 6.62 18.65
CA SER A 147 -6.56 6.73 17.64
C SER A 147 -6.54 8.16 17.08
N VAL A 148 -5.59 8.95 17.57
CA VAL A 148 -5.41 10.34 17.13
C VAL A 148 -3.97 10.46 16.67
N TYR A 149 -3.73 11.06 15.51
CA TYR A 149 -2.37 11.17 15.00
C TYR A 149 -1.39 11.94 15.87
N GLY A 150 -1.69 13.21 16.11
CA GLY A 150 -0.83 14.07 16.91
C GLY A 150 -0.01 13.38 17.98
N PRO A 151 -0.67 12.80 19.00
CA PRO A 151 0.00 12.09 20.10
C PRO A 151 0.82 10.89 19.65
N PHE A 152 0.34 10.20 18.62
CA PHE A 152 1.04 9.03 18.11
C PHE A 152 2.39 9.50 17.55
N TRP A 153 2.34 10.58 16.78
CA TRP A 153 3.55 11.15 16.19
C TRP A 153 4.54 11.60 17.26
N LYS A 154 4.04 12.24 18.31
CA LYS A 154 4.90 12.72 19.38
C LYS A 154 5.69 11.58 20.02
N ASN A 155 5.04 10.43 20.19
CA ASN A 155 5.68 9.27 20.78
C ASN A 155 6.65 8.68 19.75
N TRP A 156 6.11 8.29 18.60
CA TRP A 156 6.86 7.69 17.50
C TRP A 156 8.15 8.45 17.19
N GLN A 157 8.02 9.76 17.05
CA GLN A 157 9.15 10.64 16.74
C GLN A 157 10.31 10.54 17.72
N ALA A 158 9.99 10.45 19.01
CA ALA A 158 11.02 10.39 20.04
C ALA A 158 11.70 9.02 20.20
N GLN A 159 11.15 7.99 19.58
CA GLN A 159 11.73 6.66 19.72
C GLN A 159 13.01 6.50 18.92
N PRO A 160 14.01 5.83 19.51
CA PRO A 160 15.27 5.62 18.79
C PRO A 160 14.99 4.82 17.52
N LYS A 161 15.51 5.30 16.39
CA LYS A 161 15.29 4.65 15.11
C LYS A 161 16.28 3.53 14.81
N PRO A 162 15.77 2.37 14.38
CA PRO A 162 16.64 1.22 14.07
C PRO A 162 17.36 1.42 12.73
N THR A 163 18.50 0.77 12.57
CA THR A 163 19.28 0.88 11.34
C THR A 163 19.18 -0.41 10.50
N PRO A 164 19.58 -0.34 9.22
CA PRO A 164 19.51 -1.50 8.33
C PRO A 164 20.33 -2.69 8.82
N VAL A 165 19.81 -3.90 8.62
CA VAL A 165 20.54 -5.10 9.03
C VAL A 165 21.29 -5.64 7.81
N ALA A 166 22.17 -6.60 8.04
CA ALA A 166 22.99 -7.18 6.97
C ALA A 166 22.32 -8.09 5.96
N THR A 167 22.84 -8.05 4.73
CA THR A 167 22.35 -8.90 3.65
C THR A 167 23.01 -10.25 3.86
N PRO A 168 22.23 -11.34 3.89
CA PRO A 168 22.83 -12.65 4.10
C PRO A 168 23.67 -13.08 2.90
N THR A 169 24.80 -13.72 3.19
CA THR A 169 25.72 -14.16 2.15
C THR A 169 26.26 -15.56 2.42
N GLU A 170 26.88 -16.15 1.41
CA GLU A 170 27.47 -17.47 1.52
C GLU A 170 26.49 -18.50 2.07
N LEU A 171 25.34 -18.62 1.42
CA LEU A 171 24.31 -19.54 1.83
C LEU A 171 24.64 -20.95 1.32
N VAL A 172 24.06 -21.96 1.96
CA VAL A 172 24.26 -23.33 1.55
C VAL A 172 22.97 -23.79 0.90
N ASP A 173 23.07 -24.31 -0.32
CA ASP A 173 21.90 -24.74 -1.07
C ASP A 173 21.44 -26.14 -0.65
N LEU A 174 20.24 -26.51 -1.05
CA LEU A 174 19.70 -27.83 -0.75
C LEU A 174 20.39 -28.88 -1.64
N SER A 175 20.39 -30.12 -1.18
CA SER A 175 21.01 -31.23 -1.91
C SER A 175 19.95 -31.96 -2.73
N PRO A 176 20.39 -32.84 -3.67
CA PRO A 176 19.45 -33.57 -4.51
C PRO A 176 18.46 -34.39 -3.67
N GLU A 177 18.96 -35.02 -2.63
CA GLU A 177 18.11 -35.83 -1.76
C GLU A 177 17.07 -34.95 -1.08
N GLN A 178 17.46 -33.74 -0.69
CA GLN A 178 16.52 -32.83 -0.06
C GLN A 178 15.51 -32.41 -1.14
N LEU A 179 16.01 -32.04 -2.31
CA LEU A 179 15.14 -31.62 -3.39
C LEU A 179 14.15 -32.72 -3.76
N THR A 180 14.57 -33.97 -3.66
CA THR A 180 13.68 -35.07 -4.00
C THR A 180 12.56 -35.19 -2.98
N ALA A 181 12.90 -34.96 -1.72
CA ALA A 181 11.92 -35.06 -0.65
C ALA A 181 10.80 -34.03 -0.77
N ILE A 182 11.07 -32.90 -1.39
CA ILE A 182 10.05 -31.86 -1.50
C ILE A 182 9.45 -31.66 -2.88
N ALA A 183 10.03 -32.32 -3.89
CA ALA A 183 9.57 -32.19 -5.27
C ALA A 183 8.06 -31.99 -5.48
N PRO A 184 7.23 -32.88 -4.91
CA PRO A 184 5.76 -32.80 -5.04
C PRO A 184 5.11 -31.49 -4.58
N LEU A 185 5.79 -30.74 -3.72
CA LEU A 185 5.24 -29.50 -3.19
C LEU A 185 5.68 -28.25 -3.97
N LEU A 186 6.64 -28.41 -4.86
CA LEU A 186 7.16 -27.27 -5.61
C LEU A 186 6.67 -27.03 -7.03
N LEU A 187 6.67 -25.77 -7.42
CA LEU A 187 6.33 -25.37 -8.77
C LEU A 187 7.69 -25.48 -9.43
N SER A 188 7.75 -25.95 -10.66
CA SER A 188 9.01 -26.08 -11.37
C SER A 188 9.64 -24.74 -11.74
N GLU A 189 8.82 -23.71 -11.83
CA GLU A 189 9.32 -22.39 -12.18
C GLU A 189 8.32 -21.31 -11.79
N LEU A 190 8.77 -20.06 -11.77
CA LEU A 190 7.90 -18.94 -11.44
C LEU A 190 6.90 -18.76 -12.57
N PRO A 191 5.59 -18.84 -12.26
CA PRO A 191 4.62 -18.67 -13.34
C PRO A 191 4.66 -17.24 -13.86
N THR A 192 4.37 -17.06 -15.15
CA THR A 192 4.35 -15.74 -15.74
C THR A 192 2.99 -15.11 -15.40
N LEU A 193 2.92 -13.80 -15.53
CA LEU A 193 1.68 -13.07 -15.24
C LEU A 193 0.54 -13.71 -16.04
N LYS A 194 0.78 -13.96 -17.33
CA LYS A 194 -0.23 -14.54 -18.20
C LYS A 194 -0.66 -15.93 -17.73
N GLN A 195 0.30 -16.73 -17.28
CA GLN A 195 -0.01 -18.09 -16.80
C GLN A 195 -0.92 -18.02 -15.58
N LEU A 196 -0.76 -16.96 -14.79
CA LEU A 196 -1.58 -16.77 -13.60
C LEU A 196 -2.96 -16.27 -14.00
N GLY A 197 -3.12 -15.89 -15.27
CA GLY A 197 -4.40 -15.40 -15.75
C GLY A 197 -4.57 -13.90 -15.66
N PHE A 198 -3.47 -13.18 -15.63
CA PHE A 198 -3.51 -11.72 -15.54
C PHE A 198 -2.83 -11.05 -16.72
N ASP A 199 -3.16 -9.79 -16.94
CA ASP A 199 -2.55 -9.02 -18.00
C ASP A 199 -2.41 -7.59 -17.49
N TRP A 200 -1.23 -7.00 -17.69
CA TRP A 200 -0.96 -5.64 -17.28
C TRP A 200 0.09 -5.06 -18.21
N ASP A 201 -0.19 -3.87 -18.72
CA ASP A 201 0.72 -3.23 -19.65
C ASP A 201 0.76 -1.72 -19.36
N GLY A 202 0.28 -1.35 -18.18
CA GLY A 202 0.25 0.06 -17.81
C GLY A 202 1.48 0.65 -17.13
N GLY A 203 2.51 -0.15 -16.92
CA GLY A 203 3.71 0.38 -16.28
C GLY A 203 3.64 0.40 -14.76
N PHE A 204 4.59 1.09 -14.15
CA PHE A 204 4.70 1.16 -12.69
C PHE A 204 5.31 2.50 -12.27
N PRO A 205 5.10 2.91 -11.01
CA PRO A 205 5.65 4.17 -10.49
C PRO A 205 7.17 3.99 -10.37
N VAL A 206 7.58 2.75 -10.17
CA VAL A 206 8.99 2.38 -10.06
C VAL A 206 9.06 0.93 -10.52
N GLU A 207 10.00 0.64 -11.42
CA GLU A 207 10.14 -0.72 -11.93
C GLU A 207 10.23 -1.73 -10.80
N PRO A 208 9.69 -2.93 -11.00
CA PRO A 208 9.69 -3.99 -9.99
C PRO A 208 11.09 -4.43 -9.55
N GLY A 209 11.21 -4.90 -8.32
CA GLY A 209 12.50 -5.36 -7.86
C GLY A 209 13.24 -4.54 -6.82
N GLU A 210 14.03 -5.26 -6.04
CA GLU A 210 14.85 -4.70 -4.98
C GLU A 210 15.79 -3.63 -5.54
N THR A 211 16.53 -4.00 -6.59
CA THR A 211 17.49 -3.09 -7.23
C THR A 211 16.89 -1.77 -7.68
N ALA A 212 15.76 -1.84 -8.38
CA ALA A 212 15.12 -0.62 -8.86
C ALA A 212 14.59 0.20 -7.69
N ALA A 213 14.12 -0.46 -6.65
CA ALA A 213 13.59 0.22 -5.48
C ALA A 213 14.69 1.03 -4.80
N ILE A 214 15.84 0.38 -4.61
CA ILE A 214 17.00 0.98 -3.99
C ILE A 214 17.50 2.17 -4.79
N ALA A 215 17.47 2.03 -6.11
CA ALA A 215 17.93 3.09 -7.02
C ALA A 215 17.02 4.30 -6.90
N ARG A 216 15.71 4.06 -6.82
CA ARG A 216 14.74 5.14 -6.71
C ARG A 216 14.91 5.87 -5.38
N LEU A 217 15.07 5.11 -4.30
CA LEU A 217 15.25 5.72 -2.98
C LEU A 217 16.45 6.65 -3.01
N GLN A 218 17.56 6.15 -3.54
CA GLN A 218 18.78 6.94 -3.62
C GLN A 218 18.64 8.18 -4.49
N GLU A 219 17.97 8.04 -5.64
CA GLU A 219 17.77 9.16 -6.55
C GLU A 219 16.89 10.23 -5.93
N PHE A 220 15.80 9.79 -5.31
CA PHE A 220 14.85 10.68 -4.67
C PHE A 220 15.53 11.47 -3.55
N CYS A 221 16.18 10.75 -2.65
CA CYS A 221 16.84 11.38 -1.51
C CYS A 221 18.05 12.20 -1.90
N ASP A 222 18.49 12.08 -3.15
CA ASP A 222 19.64 12.85 -3.58
C ASP A 222 19.22 14.21 -4.10
N ARG A 223 17.99 14.31 -4.59
CA ARG A 223 17.53 15.59 -5.11
C ARG A 223 16.06 15.95 -4.83
N ALA A 224 15.14 15.30 -5.54
CA ALA A 224 13.71 15.58 -5.39
C ALA A 224 13.19 15.79 -3.98
N ILE A 225 13.71 15.04 -3.01
CA ILE A 225 13.23 15.15 -1.64
C ILE A 225 13.38 16.55 -1.02
N ALA A 226 14.36 17.31 -1.49
CA ALA A 226 14.60 18.66 -0.96
C ALA A 226 13.44 19.59 -1.22
N ASP A 227 12.66 19.29 -2.24
CA ASP A 227 11.51 20.12 -2.58
C ASP A 227 10.20 19.44 -2.26
N TYR A 228 10.27 18.30 -1.57
CA TYR A 228 9.05 17.55 -1.23
C TYR A 228 7.94 18.50 -0.80
N ASP A 229 8.28 19.43 0.08
CA ASP A 229 7.30 20.42 0.51
C ASP A 229 7.78 21.69 -0.20
N PRO A 230 6.90 22.34 -0.98
CA PRO A 230 5.50 22.00 -1.26
C PRO A 230 5.21 21.16 -2.51
N GLN A 231 6.23 20.69 -3.20
CA GLN A 231 5.99 19.90 -4.42
C GLN A 231 5.06 18.69 -4.26
N ARG A 232 4.95 18.17 -3.04
CA ARG A 232 4.11 17.00 -2.78
C ARG A 232 2.63 17.26 -3.05
N ASN A 233 2.22 18.51 -2.88
CA ASN A 233 0.83 18.90 -3.08
C ASN A 233 0.31 18.94 -4.52
N PHE A 234 1.19 18.93 -5.51
CA PHE A 234 0.76 19.06 -6.90
C PHE A 234 0.88 17.82 -7.81
N PRO A 235 -0.25 17.21 -8.14
CA PRO A 235 -0.36 16.02 -9.00
C PRO A 235 0.36 16.18 -10.34
N ALA A 236 0.44 17.42 -10.84
CA ALA A 236 1.10 17.67 -12.11
C ALA A 236 2.60 17.46 -11.97
N GLU A 237 3.14 17.89 -10.82
CA GLU A 237 4.56 17.74 -10.54
C GLU A 237 4.88 16.31 -10.10
N ALA A 238 6.03 15.80 -10.50
CA ALA A 238 6.44 14.47 -10.09
C ALA A 238 7.24 14.72 -8.81
N GLY A 239 6.55 15.19 -7.78
CA GLY A 239 7.22 15.51 -6.53
C GLY A 239 7.29 14.45 -5.44
N THR A 240 6.72 13.28 -5.67
CA THR A 240 6.76 12.23 -4.66
C THR A 240 7.77 11.16 -5.06
N SER A 241 8.06 10.23 -4.15
CA SER A 241 9.05 9.19 -4.43
C SER A 241 8.58 8.09 -5.38
N GLY A 242 7.30 7.74 -5.32
CA GLY A 242 6.79 6.69 -6.17
C GLY A 242 7.22 5.32 -5.66
N LEU A 243 7.62 5.27 -4.40
CA LEU A 243 8.07 4.04 -3.77
C LEU A 243 6.97 3.20 -3.12
N SER A 244 5.73 3.69 -3.16
CA SER A 244 4.64 2.97 -2.53
C SER A 244 4.58 1.46 -2.76
N PRO A 245 4.62 1.00 -4.04
CA PRO A 245 4.57 -0.44 -4.23
C PRO A 245 5.81 -1.15 -3.67
N ALA A 246 6.95 -0.46 -3.69
CA ALA A 246 8.19 -1.04 -3.16
C ALA A 246 8.07 -1.21 -1.65
N LEU A 247 7.33 -0.30 -1.00
CA LEU A 247 7.16 -0.39 0.44
C LEU A 247 6.09 -1.43 0.77
N LYS A 248 5.05 -1.50 -0.05
CA LYS A 248 3.97 -2.47 0.17
C LYS A 248 4.49 -3.90 0.04
N PHE A 249 5.35 -4.14 -0.94
CA PHE A 249 5.90 -5.47 -1.16
C PHE A 249 7.30 -5.68 -0.60
N GLY A 250 7.81 -4.67 0.09
CA GLY A 250 9.13 -4.77 0.68
C GLY A 250 10.28 -4.91 -0.31
N ALA A 251 10.16 -4.27 -1.46
CA ALA A 251 11.25 -4.30 -2.43
C ALA A 251 12.38 -3.48 -1.81
N ILE A 252 11.99 -2.64 -0.85
CA ILE A 252 12.94 -1.79 -0.13
C ILE A 252 12.64 -1.95 1.37
N GLY A 253 13.68 -1.89 2.20
CA GLY A 253 13.49 -2.02 3.64
C GLY A 253 13.14 -0.68 4.26
N ILE A 254 12.28 -0.68 5.27
CA ILE A 254 11.86 0.56 5.91
C ILE A 254 13.00 1.27 6.62
N ARG A 255 14.02 0.53 7.05
CA ARG A 255 15.16 1.14 7.72
C ARG A 255 16.07 1.82 6.69
N GLN A 256 16.17 1.24 5.50
CA GLN A 256 17.00 1.85 4.45
C GLN A 256 16.35 3.17 4.06
N ALA A 257 15.03 3.14 3.91
CA ALA A 257 14.30 4.34 3.55
C ALA A 257 14.53 5.44 4.59
N TRP A 258 14.35 5.10 5.86
CA TRP A 258 14.53 6.08 6.91
C TRP A 258 15.97 6.62 6.96
N GLN A 259 16.93 5.70 6.85
CA GLN A 259 18.32 6.11 6.89
C GLN A 259 18.69 7.03 5.71
N ALA A 260 18.19 6.71 4.52
CA ALA A 260 18.48 7.53 3.33
C ALA A 260 17.94 8.95 3.51
N ALA A 261 16.73 9.07 4.02
CA ALA A 261 16.12 10.38 4.23
C ALA A 261 16.89 11.12 5.31
N SER A 262 17.25 10.40 6.37
CA SER A 262 17.99 10.98 7.48
C SER A 262 19.35 11.52 7.05
N ALA A 263 20.05 10.73 6.22
CA ALA A 263 21.36 11.13 5.72
C ALA A 263 21.22 12.37 4.84
N ALA A 264 20.13 12.43 4.09
CA ALA A 264 19.91 13.58 3.22
C ALA A 264 19.69 14.82 4.08
N HIS A 265 19.03 14.64 5.21
CA HIS A 265 18.74 15.73 6.12
C HIS A 265 20.02 16.23 6.78
N ALA A 266 20.92 15.32 7.10
CA ALA A 266 22.19 15.66 7.73
C ALA A 266 23.15 16.30 6.74
N LEU A 267 23.00 15.95 5.46
CA LEU A 267 23.84 16.48 4.41
C LEU A 267 23.37 17.85 3.95
N SER A 268 22.07 18.09 4.04
CA SER A 268 21.51 19.36 3.63
C SER A 268 21.95 20.47 4.56
N ARG A 269 22.19 21.66 4.00
CA ARG A 269 22.59 22.82 4.78
C ARG A 269 21.60 23.95 4.54
N SER A 270 20.42 23.59 4.04
CA SER A 270 19.35 24.53 3.75
C SER A 270 18.13 24.25 4.61
N ASP A 271 17.61 25.27 5.26
CA ASP A 271 16.44 25.10 6.11
C ASP A 271 15.24 24.51 5.36
N GLU A 272 14.93 25.08 4.20
CA GLU A 272 13.80 24.59 3.41
C GLU A 272 13.93 23.12 3.05
N ALA A 273 15.12 22.70 2.65
CA ALA A 273 15.36 21.31 2.30
C ALA A 273 15.16 20.43 3.54
N ARG A 274 15.72 20.87 4.66
CA ARG A 274 15.61 20.13 5.92
C ARG A 274 14.13 19.88 6.19
N ASN A 275 13.35 20.95 6.12
CA ASN A 275 11.91 20.85 6.35
C ASN A 275 11.26 19.90 5.35
N SER A 276 11.66 19.97 4.08
CA SER A 276 11.10 19.11 3.06
C SER A 276 11.33 17.64 3.41
N ILE A 277 12.53 17.35 3.91
CA ILE A 277 12.89 16.00 4.27
C ILE A 277 12.17 15.53 5.53
N ARG A 278 11.97 16.44 6.49
CA ARG A 278 11.28 16.08 7.72
C ARG A 278 9.86 15.73 7.35
N VAL A 279 9.29 16.50 6.42
CA VAL A 279 7.92 16.27 5.97
C VAL A 279 7.79 14.89 5.35
N TRP A 280 8.77 14.50 4.53
CA TRP A 280 8.71 13.18 3.89
C TRP A 280 8.75 12.12 4.98
N GLN A 281 9.61 12.32 5.99
CA GLN A 281 9.72 11.36 7.08
C GLN A 281 8.39 11.25 7.81
N GLN A 282 7.66 12.36 7.84
CA GLN A 282 6.37 12.40 8.49
C GLN A 282 5.43 11.42 7.79
N GLU A 283 5.54 11.35 6.46
CA GLU A 283 4.71 10.45 5.66
C GLU A 283 4.90 9.01 6.12
N LEU A 284 6.15 8.65 6.42
CA LEU A 284 6.46 7.31 6.89
C LEU A 284 5.81 7.10 8.26
N ALA A 285 5.65 8.17 9.02
CA ALA A 285 5.02 8.07 10.34
C ALA A 285 3.52 7.82 10.17
N TRP A 286 2.91 8.52 9.22
CA TRP A 286 1.47 8.35 8.94
C TRP A 286 1.25 6.89 8.53
N ARG A 287 2.20 6.35 7.79
CA ARG A 287 2.13 4.97 7.33
C ARG A 287 2.03 4.02 8.53
N GLU A 288 2.87 4.25 9.54
CA GLU A 288 2.87 3.40 10.72
C GLU A 288 1.63 3.65 11.58
N PHE A 289 1.10 4.87 11.53
CA PHE A 289 -0.08 5.22 12.31
C PHE A 289 -1.26 4.34 11.88
N TYR A 290 -1.46 4.25 10.56
CA TYR A 290 -2.53 3.44 10.02
C TYR A 290 -2.27 1.93 10.14
N GLN A 291 -1.01 1.52 9.96
CA GLN A 291 -0.70 0.10 10.08
C GLN A 291 -0.88 -0.32 11.54
N HIS A 292 -0.44 0.52 12.45
CA HIS A 292 -0.60 0.21 13.86
C HIS A 292 -2.07 0.15 14.20
N ALA A 293 -2.84 1.08 13.64
CA ALA A 293 -4.27 1.15 13.90
C ALA A 293 -4.98 -0.12 13.44
N LEU A 294 -4.62 -0.60 12.26
CA LEU A 294 -5.25 -1.81 11.73
C LEU A 294 -4.90 -2.96 12.66
N TYR A 295 -3.67 -2.96 13.15
CA TYR A 295 -3.22 -4.00 14.05
C TYR A 295 -4.00 -3.96 15.37
N HIS A 296 -4.07 -2.78 15.97
CA HIS A 296 -4.76 -2.62 17.25
C HIS A 296 -6.29 -2.70 17.14
N PHE A 297 -6.84 -2.20 16.04
CA PHE A 297 -8.29 -2.21 15.84
C PHE A 297 -8.64 -2.91 14.53
N PRO A 298 -8.47 -4.24 14.49
CA PRO A 298 -8.77 -5.03 13.29
C PRO A 298 -10.17 -4.84 12.68
N SER A 299 -11.15 -4.47 13.50
CA SER A 299 -12.51 -4.28 12.99
C SER A 299 -12.57 -3.11 12.01
N LEU A 300 -11.55 -2.25 12.04
CA LEU A 300 -11.52 -1.11 11.12
C LEU A 300 -11.69 -1.58 9.67
N ALA A 301 -11.15 -2.76 9.38
CA ALA A 301 -11.22 -3.31 8.04
C ALA A 301 -12.64 -3.66 7.60
N ASP A 302 -13.56 -3.75 8.56
CA ASP A 302 -14.94 -4.09 8.25
C ASP A 302 -15.76 -2.96 7.61
N GLY A 303 -15.28 -1.73 7.73
CA GLY A 303 -16.01 -0.60 7.16
C GLY A 303 -16.08 0.55 8.15
N PRO A 304 -17.00 1.51 7.97
CA PRO A 304 -17.14 2.65 8.89
C PRO A 304 -16.96 2.21 10.33
N TYR A 305 -15.98 2.78 11.00
CA TYR A 305 -15.64 2.42 12.37
C TYR A 305 -16.48 3.08 13.45
N ARG A 306 -16.48 4.41 13.49
CA ARG A 306 -17.24 5.14 14.48
C ARG A 306 -18.73 4.82 14.38
N SER A 307 -19.36 4.63 15.54
CA SER A 307 -20.77 4.26 15.65
C SER A 307 -21.75 5.01 14.74
N LEU A 308 -21.68 6.33 14.75
CA LEU A 308 -22.56 7.14 13.91
C LEU A 308 -22.50 6.68 12.45
N TRP A 309 -21.29 6.49 11.96
CA TRP A 309 -21.09 6.09 10.58
C TRP A 309 -21.54 4.69 10.23
N GLN A 310 -21.62 3.81 11.23
CA GLN A 310 -22.07 2.45 10.97
C GLN A 310 -23.56 2.52 10.60
N GLN A 311 -24.17 3.67 10.86
CA GLN A 311 -25.59 3.89 10.59
C GLN A 311 -25.87 4.93 9.51
N PHE A 312 -24.86 5.35 8.75
CA PHE A 312 -25.12 6.37 7.73
C PHE A 312 -26.01 5.82 6.63
N PRO A 313 -27.04 6.59 6.25
CA PRO A 313 -27.99 6.20 5.21
C PRO A 313 -27.41 6.39 3.81
N TRP A 314 -26.50 5.50 3.41
CA TRP A 314 -25.88 5.58 2.09
C TRP A 314 -26.93 5.43 0.99
N GLU A 315 -26.90 6.33 0.01
CA GLU A 315 -27.86 6.29 -1.09
C GLU A 315 -27.55 5.09 -2.00
N ASN A 316 -26.28 4.93 -2.35
CA ASN A 316 -25.84 3.82 -3.18
C ASN A 316 -26.49 3.70 -4.57
N ARG A 317 -26.39 4.74 -5.38
CA ARG A 317 -26.92 4.67 -6.73
C ARG A 317 -25.80 4.03 -7.56
N GLU A 318 -25.97 2.76 -7.89
CA GLU A 318 -24.99 2.01 -8.67
C GLU A 318 -24.50 2.76 -9.90
N ALA A 319 -25.39 3.45 -10.59
CA ALA A 319 -25.05 4.19 -11.79
C ALA A 319 -23.99 5.26 -11.53
N LEU A 320 -24.10 5.96 -10.41
CA LEU A 320 -23.12 6.99 -10.07
C LEU A 320 -21.75 6.38 -9.80
N PHE A 321 -21.76 5.21 -9.15
CA PHE A 321 -20.52 4.51 -8.84
C PHE A 321 -19.85 4.09 -10.15
N THR A 322 -20.63 3.44 -11.00
CA THR A 322 -20.12 2.99 -12.29
C THR A 322 -19.46 4.16 -13.02
N ALA A 323 -20.16 5.28 -13.08
CA ALA A 323 -19.63 6.45 -13.75
C ALA A 323 -18.30 6.85 -13.12
N TRP A 324 -18.23 6.75 -11.79
CA TRP A 324 -17.01 7.10 -11.06
C TRP A 324 -15.86 6.16 -11.47
N THR A 325 -16.12 4.85 -11.44
CA THR A 325 -15.10 3.86 -11.79
C THR A 325 -14.65 3.99 -13.25
N GLN A 326 -15.49 4.59 -14.09
CA GLN A 326 -15.15 4.73 -15.51
C GLN A 326 -14.60 6.10 -15.90
N ALA A 327 -14.43 6.97 -14.90
CA ALA A 327 -13.92 8.32 -15.14
C ALA A 327 -14.88 9.10 -16.04
N GLN A 328 -16.18 8.93 -15.79
CA GLN A 328 -17.23 9.60 -16.55
C GLN A 328 -18.12 10.44 -15.64
N THR A 329 -17.54 11.00 -14.59
CA THR A 329 -18.29 11.81 -13.63
C THR A 329 -18.63 13.21 -14.17
N GLY A 330 -17.81 13.71 -15.09
CA GLY A 330 -18.06 15.02 -15.64
C GLY A 330 -17.26 16.08 -14.89
N TYR A 331 -16.51 15.64 -13.90
CA TYR A 331 -15.66 16.53 -13.12
C TYR A 331 -14.23 16.22 -13.57
N PRO A 332 -13.65 17.11 -14.37
CA PRO A 332 -12.29 16.96 -14.89
C PRO A 332 -11.24 16.48 -13.90
N ILE A 333 -11.11 17.17 -12.77
CA ILE A 333 -10.11 16.77 -11.79
C ILE A 333 -10.35 15.34 -11.31
N VAL A 334 -11.61 14.97 -11.15
CA VAL A 334 -11.94 13.62 -10.71
C VAL A 334 -11.68 12.57 -11.79
N ASP A 335 -12.14 12.86 -13.01
CA ASP A 335 -11.96 11.93 -14.11
C ASP A 335 -10.51 11.72 -14.50
N ALA A 336 -9.72 12.78 -14.46
CA ALA A 336 -8.30 12.67 -14.81
C ALA A 336 -7.59 11.76 -13.80
N ALA A 337 -8.04 11.81 -12.55
CA ALA A 337 -7.44 10.98 -11.51
C ALA A 337 -7.84 9.52 -11.69
N MET A 338 -9.12 9.27 -11.91
CA MET A 338 -9.58 7.89 -12.07
C MET A 338 -8.94 7.24 -13.29
N ARG A 339 -8.69 8.03 -14.32
CA ARG A 339 -8.07 7.51 -15.53
C ARG A 339 -6.64 7.09 -15.23
N GLN A 340 -5.89 7.97 -14.55
CA GLN A 340 -4.51 7.66 -14.20
C GLN A 340 -4.47 6.35 -13.41
N LEU A 341 -5.44 6.18 -12.52
CA LEU A 341 -5.53 4.97 -11.70
C LEU A 341 -5.73 3.72 -12.54
N THR A 342 -6.80 3.70 -13.32
CA THR A 342 -7.09 2.53 -14.14
C THR A 342 -6.02 2.27 -15.21
N GLU A 343 -5.40 3.32 -15.72
CA GLU A 343 -4.39 3.15 -16.76
C GLU A 343 -2.99 2.85 -16.27
N THR A 344 -2.61 3.40 -15.12
CA THR A 344 -1.27 3.19 -14.60
C THR A 344 -1.19 2.49 -13.26
N GLY A 345 -2.34 2.22 -12.65
CA GLY A 345 -2.34 1.54 -11.37
C GLY A 345 -1.80 2.36 -10.21
N TRP A 346 -1.74 3.67 -10.38
CA TRP A 346 -1.24 4.55 -9.33
C TRP A 346 -1.94 5.90 -9.42
N MET A 347 -2.06 6.58 -8.29
CA MET A 347 -2.69 7.89 -8.26
C MET A 347 -2.01 8.77 -7.22
N HIS A 348 -1.81 10.04 -7.57
CA HIS A 348 -1.20 11.01 -6.67
C HIS A 348 -2.10 11.14 -5.45
N ASN A 349 -1.52 11.14 -4.26
CA ASN A 349 -2.29 11.22 -3.04
C ASN A 349 -3.31 12.35 -2.97
N ARG A 350 -2.97 13.53 -3.48
CA ARG A 350 -3.91 14.64 -3.46
C ARG A 350 -5.14 14.21 -4.27
N CYS A 351 -4.91 13.51 -5.38
CA CYS A 351 -6.01 13.04 -6.20
C CYS A 351 -6.82 11.95 -5.50
N ARG A 352 -6.16 11.06 -4.77
CA ARG A 352 -6.92 10.01 -4.08
C ARG A 352 -7.86 10.68 -3.08
N MET A 353 -7.34 11.69 -2.39
CA MET A 353 -8.14 12.44 -1.42
C MET A 353 -9.38 13.03 -2.10
N ILE A 354 -9.17 13.61 -3.28
CA ILE A 354 -10.25 14.23 -4.03
C ILE A 354 -11.31 13.24 -4.52
N VAL A 355 -10.89 12.22 -5.26
CA VAL A 355 -11.83 11.24 -5.79
C VAL A 355 -12.56 10.48 -4.68
N ALA A 356 -11.89 10.30 -3.54
CA ALA A 356 -12.50 9.60 -2.41
C ALA A 356 -13.55 10.51 -1.77
N SER A 357 -13.18 11.78 -1.59
CA SER A 357 -14.11 12.75 -1.03
C SER A 357 -15.33 12.83 -1.96
N PHE A 358 -15.07 12.86 -3.26
CA PHE A 358 -16.13 12.95 -4.26
C PHE A 358 -17.07 11.75 -4.18
N LEU A 359 -16.50 10.56 -4.21
CA LEU A 359 -17.30 9.34 -4.14
C LEU A 359 -18.17 9.25 -2.88
N THR A 360 -17.57 9.57 -1.73
CA THR A 360 -18.27 9.51 -0.45
C THR A 360 -19.21 10.67 -0.19
N LYS A 361 -18.72 11.89 -0.36
CA LYS A 361 -19.52 13.10 -0.10
C LYS A 361 -20.49 13.48 -1.21
N ASP A 362 -20.00 13.50 -2.45
CA ASP A 362 -20.84 13.86 -3.60
C ASP A 362 -21.78 12.75 -4.06
N LEU A 363 -21.22 11.60 -4.40
CA LEU A 363 -22.04 10.49 -4.89
C LEU A 363 -22.76 9.77 -3.77
N ILE A 364 -22.34 10.03 -2.53
CA ILE A 364 -22.96 9.42 -1.36
C ILE A 364 -23.05 7.90 -1.46
N ILE A 365 -21.92 7.27 -1.76
CA ILE A 365 -21.88 5.83 -1.87
C ILE A 365 -21.04 5.24 -0.75
N ASP A 366 -21.54 4.20 -0.10
CA ASP A 366 -20.82 3.52 0.98
C ASP A 366 -19.37 3.48 0.49
N TRP A 367 -18.47 4.15 1.18
CA TRP A 367 -17.07 4.21 0.72
C TRP A 367 -16.38 2.87 0.57
N ARG A 368 -17.00 1.80 1.07
CA ARG A 368 -16.39 0.49 0.93
C ARG A 368 -16.29 0.10 -0.54
N ARG A 369 -17.22 0.61 -1.36
CA ARG A 369 -17.21 0.32 -2.80
C ARG A 369 -15.96 0.94 -3.42
N GLY A 370 -15.59 2.11 -2.90
CA GLY A 370 -14.42 2.80 -3.40
C GLY A 370 -13.14 2.13 -2.92
N GLU A 371 -13.13 1.74 -1.66
CA GLU A 371 -11.99 1.06 -1.06
C GLU A 371 -11.70 -0.20 -1.89
N GLN A 372 -12.77 -0.91 -2.22
CA GLN A 372 -12.67 -2.13 -3.00
C GLN A 372 -12.17 -1.83 -4.41
N PHE A 373 -12.70 -0.80 -5.04
CA PHE A 373 -12.27 -0.47 -6.40
C PHE A 373 -10.79 -0.07 -6.42
N PHE A 374 -10.34 0.63 -5.38
CA PHE A 374 -8.93 1.03 -5.29
C PHE A 374 -8.07 -0.21 -5.17
N MET A 375 -8.48 -1.14 -4.30
CA MET A 375 -7.74 -2.38 -4.12
C MET A 375 -7.71 -3.18 -5.41
N GLN A 376 -8.74 -3.05 -6.22
CA GLN A 376 -8.80 -3.80 -7.48
C GLN A 376 -7.93 -3.18 -8.56
N HIS A 377 -7.34 -2.02 -8.29
CA HIS A 377 -6.53 -1.32 -9.28
C HIS A 377 -5.19 -0.75 -8.84
N LEU A 378 -4.97 -0.60 -7.54
CA LEU A 378 -3.72 -0.03 -7.01
C LEU A 378 -2.53 -0.98 -6.97
N VAL A 379 -1.43 -0.56 -7.59
CA VAL A 379 -0.23 -1.39 -7.58
C VAL A 379 0.32 -1.38 -6.14
N ASP A 380 -0.09 -0.40 -5.35
CA ASP A 380 0.34 -0.32 -3.96
C ASP A 380 -0.80 -0.63 -3.01
N GLY A 381 -1.89 -1.16 -3.56
CA GLY A 381 -3.07 -1.51 -2.77
C GLY A 381 -2.68 -2.10 -1.43
N ASP A 382 -2.98 -1.35 -0.37
CA ASP A 382 -2.62 -1.76 0.98
C ASP A 382 -3.79 -1.51 1.93
N LEU A 383 -4.25 -2.57 2.58
CA LEU A 383 -5.38 -2.50 3.51
C LEU A 383 -5.30 -1.36 4.53
N ALA A 384 -4.21 -1.31 5.30
CA ALA A 384 -4.04 -0.29 6.32
C ALA A 384 -4.11 1.13 5.77
N ALA A 385 -3.38 1.37 4.67
CA ALA A 385 -3.35 2.68 4.05
C ALA A 385 -4.63 2.98 3.27
N ASN A 386 -5.11 2.00 2.51
CA ASN A 386 -6.32 2.20 1.72
C ASN A 386 -7.54 2.41 2.62
N ASN A 387 -7.67 1.57 3.64
CA ASN A 387 -8.80 1.69 4.57
C ASN A 387 -8.68 3.01 5.32
N GLY A 388 -7.44 3.38 5.67
CA GLY A 388 -7.24 4.62 6.38
C GLY A 388 -7.69 5.77 5.50
N GLY A 389 -7.33 5.70 4.23
CA GLY A 389 -7.70 6.74 3.29
C GLY A 389 -9.21 6.89 3.12
N TRP A 390 -9.91 5.76 3.04
CA TRP A 390 -11.36 5.81 2.87
C TRP A 390 -12.12 6.13 4.15
N GLN A 391 -11.59 5.72 5.30
CA GLN A 391 -12.23 6.05 6.56
C GLN A 391 -12.08 7.57 6.68
N TRP A 392 -10.96 8.05 6.15
CA TRP A 392 -10.66 9.48 6.15
C TRP A 392 -11.68 10.31 5.36
N SER A 393 -12.16 9.77 4.25
CA SER A 393 -13.10 10.50 3.41
C SER A 393 -14.43 10.77 4.12
N ALA A 394 -14.56 10.28 5.34
CA ALA A 394 -15.79 10.50 6.10
C ALA A 394 -15.50 10.70 7.59
N SER A 395 -14.23 10.70 7.95
CA SER A 395 -13.84 10.82 9.35
C SER A 395 -14.58 9.75 10.14
N SER A 396 -14.75 8.59 9.53
CA SER A 396 -15.46 7.50 10.19
C SER A 396 -14.53 6.55 10.94
N GLY A 397 -13.23 6.81 10.90
CA GLY A 397 -12.30 5.93 11.60
C GLY A 397 -11.36 6.67 12.54
N MET A 398 -10.06 6.44 12.35
CA MET A 398 -9.01 7.07 13.15
C MET A 398 -8.91 8.56 12.86
N ASP A 399 -8.29 9.29 13.79
CA ASP A 399 -8.06 10.72 13.67
C ASP A 399 -9.23 11.49 13.03
N PRO A 400 -10.43 11.36 13.61
CA PRO A 400 -11.60 12.06 13.06
C PRO A 400 -11.53 13.57 13.12
N LYS A 401 -12.11 14.23 12.13
CA LYS A 401 -12.13 15.68 12.05
C LYS A 401 -13.57 16.10 11.81
N PRO A 402 -13.91 17.38 12.05
CA PRO A 402 -15.27 17.88 11.85
C PRO A 402 -15.76 17.63 10.44
N LEU A 403 -17.07 17.45 10.30
CA LEU A 403 -17.68 17.20 9.00
C LEU A 403 -17.16 18.21 7.98
N ARG A 404 -16.78 17.71 6.81
CA ARG A 404 -16.26 18.57 5.76
C ARG A 404 -16.42 17.91 4.39
N ILE A 405 -16.70 18.72 3.38
CA ILE A 405 -16.88 18.20 2.03
C ILE A 405 -16.03 18.98 1.04
N PHE A 406 -15.12 18.29 0.37
CA PHE A 406 -14.24 18.90 -0.62
C PHE A 406 -15.06 19.42 -1.79
N ASN A 407 -14.71 20.61 -2.28
CA ASN A 407 -15.36 21.19 -3.45
C ASN A 407 -14.37 20.92 -4.58
N PRO A 408 -14.71 19.98 -5.48
CA PRO A 408 -13.84 19.62 -6.61
C PRO A 408 -13.18 20.81 -7.29
N ALA A 409 -13.94 21.88 -7.53
CA ALA A 409 -13.41 23.06 -8.20
C ALA A 409 -12.32 23.75 -7.39
N SER A 410 -12.57 23.92 -6.10
CA SER A 410 -11.60 24.56 -5.21
C SER A 410 -10.29 23.78 -5.13
N GLN A 411 -10.40 22.45 -5.03
CA GLN A 411 -9.22 21.59 -4.97
C GLN A 411 -8.45 21.68 -6.28
N ALA A 412 -9.18 21.57 -7.39
CA ALA A 412 -8.56 21.64 -8.71
C ALA A 412 -7.81 22.96 -8.90
N LYS A 413 -8.46 24.07 -8.57
CA LYS A 413 -7.85 25.38 -8.70
C LYS A 413 -6.66 25.51 -7.77
N LYS A 414 -6.81 24.97 -6.57
CA LYS A 414 -5.76 25.04 -5.57
C LYS A 414 -4.54 24.17 -5.89
N PHE A 415 -4.76 22.93 -6.30
CA PHE A 415 -3.65 22.02 -6.56
C PHE A 415 -3.29 21.71 -8.01
N ASP A 416 -4.05 22.26 -8.95
CA ASP A 416 -3.78 22.07 -10.37
C ASP A 416 -4.27 23.33 -11.08
N ALA A 417 -3.82 24.47 -10.55
CA ALA A 417 -4.19 25.80 -11.04
C ALA A 417 -4.15 25.99 -12.56
N THR A 418 -3.17 25.38 -13.22
CA THR A 418 -3.05 25.51 -14.67
C THR A 418 -3.68 24.35 -15.43
N ALA A 419 -4.39 23.49 -14.69
CA ALA A 419 -5.07 22.34 -15.27
C ALA A 419 -4.13 21.43 -16.05
N THR A 420 -2.84 21.52 -15.77
CA THR A 420 -1.84 20.71 -16.47
C THR A 420 -2.11 19.23 -16.27
N TYR A 421 -2.41 18.84 -15.04
CA TYR A 421 -2.69 17.45 -14.72
C TYR A 421 -3.98 16.99 -15.40
N ILE A 422 -4.99 17.85 -15.40
CA ILE A 422 -6.27 17.51 -16.03
C ILE A 422 -6.05 17.20 -17.50
N LYS A 423 -5.44 18.14 -18.21
CA LYS A 423 -5.16 17.99 -19.63
C LYS A 423 -4.34 16.74 -19.92
N ARG A 424 -3.38 16.44 -19.05
CA ARG A 424 -2.54 15.27 -19.22
C ARG A 424 -3.31 13.96 -19.31
N TRP A 425 -4.24 13.75 -18.38
CA TRP A 425 -5.01 12.51 -18.37
C TRP A 425 -6.35 12.58 -19.08
N LEU A 426 -6.70 13.78 -19.56
CA LEU A 426 -7.94 13.99 -20.30
C LEU A 426 -7.56 14.77 -21.55
N PRO A 427 -6.74 14.15 -22.43
CA PRO A 427 -6.29 14.78 -23.67
C PRO A 427 -7.40 15.23 -24.62
N GLU A 428 -8.57 14.58 -24.56
CA GLU A 428 -9.67 14.97 -25.45
C GLU A 428 -10.27 16.29 -24.99
N LEU A 429 -9.67 16.89 -23.97
CA LEU A 429 -10.11 18.17 -23.42
C LEU A 429 -8.94 19.15 -23.37
N ARG A 430 -7.90 18.88 -24.16
CA ARG A 430 -6.73 19.75 -24.20
C ARG A 430 -7.06 21.10 -24.80
N HIS A 431 -8.09 21.14 -25.65
CA HIS A 431 -8.52 22.36 -26.31
C HIS A 431 -9.27 23.31 -25.37
N VAL A 432 -9.85 22.75 -24.32
CA VAL A 432 -10.60 23.54 -23.34
C VAL A 432 -9.66 24.44 -22.53
N HIS A 433 -10.21 25.52 -21.98
CA HIS A 433 -9.43 26.44 -21.17
C HIS A 433 -9.37 25.97 -19.73
N PRO A 434 -8.17 26.01 -19.10
CA PRO A 434 -7.98 25.58 -17.72
C PRO A 434 -9.09 26.11 -16.81
N LYS A 435 -9.43 27.37 -17.04
CA LYS A 435 -10.48 28.05 -16.29
C LYS A 435 -11.73 27.20 -16.16
N ASP A 436 -12.20 26.68 -17.29
CA ASP A 436 -13.40 25.86 -17.30
C ASP A 436 -13.17 24.43 -16.80
N LEU A 437 -11.99 23.88 -17.05
CA LEU A 437 -11.68 22.53 -16.60
C LEU A 437 -11.64 22.48 -15.07
N ILE A 438 -11.32 23.62 -14.47
CA ILE A 438 -11.25 23.73 -13.02
C ILE A 438 -12.64 23.93 -12.44
N SER A 439 -13.45 24.76 -13.08
CA SER A 439 -14.80 25.02 -12.61
C SER A 439 -15.69 23.82 -12.93
N GLY A 440 -15.28 23.05 -13.95
CA GLY A 440 -16.06 21.89 -14.33
C GLY A 440 -17.28 22.27 -15.14
N GLU A 441 -17.34 23.54 -15.54
CA GLU A 441 -18.46 24.04 -16.33
C GLU A 441 -17.96 24.18 -17.76
N ILE A 442 -18.26 23.17 -18.57
CA ILE A 442 -17.82 23.15 -19.96
C ILE A 442 -19.00 23.20 -20.91
N THR A 443 -18.95 24.11 -21.88
CA THR A 443 -20.01 24.26 -22.86
C THR A 443 -20.10 22.99 -23.70
N PRO A 444 -21.32 22.47 -23.89
CA PRO A 444 -21.59 21.26 -24.65
C PRO A 444 -20.72 21.06 -25.89
N ILE A 445 -20.81 21.99 -26.83
CA ILE A 445 -20.03 21.89 -28.07
C ILE A 445 -18.55 21.67 -27.80
N GLU A 446 -17.99 22.49 -26.92
CA GLU A 446 -16.57 22.42 -26.56
C GLU A 446 -16.30 21.17 -25.72
N ARG A 447 -17.37 20.59 -25.20
CA ARG A 447 -17.27 19.40 -24.36
C ARG A 447 -17.14 18.15 -25.22
N ARG A 448 -17.45 18.28 -26.50
CA ARG A 448 -17.39 17.16 -27.43
C ARG A 448 -18.09 15.95 -26.83
N GLY A 449 -17.35 14.84 -26.69
CA GLY A 449 -17.94 13.63 -26.14
C GLY A 449 -17.85 13.52 -24.63
N TYR A 450 -17.02 14.36 -24.01
CA TYR A 450 -16.86 14.34 -22.55
C TYR A 450 -18.21 14.55 -21.88
N PRO A 451 -18.59 13.64 -20.97
CA PRO A 451 -19.88 13.78 -20.29
C PRO A 451 -20.01 15.03 -19.42
N ALA A 452 -21.25 15.40 -19.15
CA ALA A 452 -21.55 16.55 -18.30
C ALA A 452 -21.52 16.04 -16.86
N PRO A 453 -21.38 16.94 -15.88
CA PRO A 453 -21.35 16.54 -14.47
C PRO A 453 -22.52 15.61 -14.14
N ILE A 454 -22.26 14.48 -13.49
CA ILE A 454 -23.33 13.53 -13.17
C ILE A 454 -24.16 13.96 -11.96
N VAL A 455 -23.65 14.95 -11.22
CA VAL A 455 -24.37 15.46 -10.06
C VAL A 455 -24.07 16.94 -9.90
N ASN A 456 -24.98 17.65 -9.25
CA ASN A 456 -24.81 19.08 -8.98
C ASN A 456 -24.18 19.11 -7.59
N HIS A 457 -22.90 19.49 -7.53
CA HIS A 457 -22.17 19.53 -6.27
C HIS A 457 -22.94 20.17 -5.10
N ASN A 458 -23.49 21.36 -5.36
CA ASN A 458 -24.22 22.07 -4.33
C ASN A 458 -25.41 21.29 -3.79
N LEU A 459 -26.14 20.61 -4.67
CA LEU A 459 -27.27 19.82 -4.23
C LEU A 459 -26.80 18.58 -3.45
N ARG A 460 -25.72 17.95 -3.92
CA ARG A 460 -25.19 16.76 -3.24
C ARG A 460 -24.69 17.15 -1.85
N GLN A 461 -24.00 18.29 -1.78
CA GLN A 461 -23.46 18.78 -0.52
C GLN A 461 -24.56 18.96 0.52
N LYS A 462 -25.67 19.55 0.10
CA LYS A 462 -26.78 19.78 1.01
C LYS A 462 -27.39 18.45 1.42
N GLN A 463 -27.56 17.55 0.46
CA GLN A 463 -28.15 16.25 0.74
C GLN A 463 -27.33 15.50 1.80
N PHE A 464 -26.02 15.46 1.63
CA PHE A 464 -25.15 14.75 2.57
C PHE A 464 -25.25 15.37 3.97
N LYS A 465 -25.12 16.69 4.03
CA LYS A 465 -25.22 17.39 5.31
C LYS A 465 -26.56 17.09 5.96
N ALA A 466 -27.62 17.11 5.16
CA ALA A 466 -28.96 16.86 5.66
C ALA A 466 -29.03 15.47 6.32
N LEU A 467 -28.61 14.45 5.59
CA LEU A 467 -28.62 13.10 6.14
C LEU A 467 -27.78 13.04 7.41
N TYR A 468 -26.58 13.59 7.35
CA TYR A 468 -25.69 13.61 8.51
C TYR A 468 -26.43 14.18 9.72
N ASN A 469 -26.90 15.42 9.61
CA ASN A 469 -27.60 16.07 10.70
C ASN A 469 -28.84 15.35 11.19
N GLN A 470 -29.64 14.82 10.26
CA GLN A 470 -30.84 14.10 10.65
C GLN A 470 -30.43 12.91 11.53
N LEU A 471 -29.40 12.19 11.10
CA LEU A 471 -28.93 11.03 11.84
C LEU A 471 -28.30 11.48 13.15
N LYS A 472 -27.50 12.53 13.09
CA LYS A 472 -26.84 13.06 14.29
C LYS A 472 -27.89 13.35 15.35
N ALA A 473 -28.99 13.96 14.93
CA ALA A 473 -30.09 14.31 15.82
C ALA A 473 -30.81 13.05 16.27
N ALA A 474 -31.19 12.21 15.32
CA ALA A 474 -31.89 10.97 15.62
C ALA A 474 -31.19 10.22 16.75
N ILE A 475 -29.86 10.31 16.78
CA ILE A 475 -29.07 9.66 17.83
C ILE A 475 -29.12 10.50 19.10
P PO4 B . -2.16 -8.36 -1.94
O1 PO4 B . -2.00 -7.48 -0.75
O2 PO4 B . -1.60 -9.70 -1.64
O3 PO4 B . -3.61 -8.48 -2.24
O4 PO4 B . -1.46 -7.78 -3.10
PA FAD C . 5.40 9.65 -0.98
O1A FAD C . 6.75 9.59 -1.59
O2A FAD C . 4.76 10.93 -0.81
O5B FAD C . 5.41 8.99 0.49
C5B FAD C . 6.35 7.95 0.84
C4B FAD C . 5.67 6.74 1.49
O4B FAD C . 4.89 7.13 2.64
C3B FAD C . 4.66 6.09 0.53
O3B FAD C . 5.27 5.25 -0.48
C2B FAD C . 3.70 5.37 1.48
O2B FAD C . 4.21 4.12 1.87
C1B FAD C . 3.68 6.32 2.68
N9A FAD C . 2.50 7.21 2.66
C8A FAD C . 2.35 8.46 2.10
N7A FAD C . 1.15 8.96 2.26
C5A FAD C . 0.64 8.22 3.29
C6A FAD C . -0.64 8.23 3.92
N6A FAD C . -1.50 9.21 3.67
N1A FAD C . -1.10 7.06 4.51
C2A FAD C . -0.30 5.95 4.56
N3A FAD C . 0.97 5.86 4.09
C4A FAD C . 1.36 7.02 3.41
N1 FAD C . -1.12 4.17 0.16
C2 FAD C . -0.64 2.91 -0.18
O2 FAD C . 0.44 2.55 0.19
N3 FAD C . -1.64 2.00 -0.58
C4 FAD C . -3.01 2.28 -0.75
O4 FAD C . -3.77 1.34 -0.97
C4X FAD C . -3.37 3.65 -0.40
N5 FAD C . -4.68 4.02 -0.76
C5X FAD C . -5.14 5.27 -0.36
C6 FAD C . -6.50 5.53 -0.52
C7 FAD C . -6.97 6.86 -0.40
C7M FAD C . -8.47 7.14 -0.43
C8 FAD C . -6.05 7.91 0.03
C8M FAD C . -6.58 9.32 0.34
C9 FAD C . -4.72 7.61 0.31
C9A FAD C . -4.23 6.28 0.12
N10 FAD C . -2.81 5.99 0.23
C10 FAD C . -2.42 4.64 0.05
C1' FAD C . -1.88 6.86 0.75
C2' FAD C . -1.10 7.55 -0.39
O2' FAD C . -1.97 8.20 -1.32
C3' FAD C . 0.18 6.90 -0.97
O3' FAD C . 1.00 6.16 -0.08
C4' FAD C . 0.91 7.66 -2.09
O4' FAD C . 0.08 8.05 -3.18
C5' FAD C . 2.15 6.93 -2.56
O5' FAD C . 2.93 7.69 -3.49
P FAD C . 4.47 7.86 -3.14
O1P FAD C . 5.08 6.53 -2.86
O2P FAD C . 5.08 8.67 -4.20
O3P FAD C . 4.34 8.69 -1.75
#